data_6B1H
#
_entry.id   6B1H
#
_cell.length_a   34.487
_cell.length_b   37.372
_cell.length_c   81.831
_cell.angle_alpha   87.780
_cell.angle_beta   89.960
_cell.angle_gamma   84.530
#
_symmetry.space_group_name_H-M   'P 1'
#
loop_
_entity.id
_entity.type
_entity.pdbx_description
1 polymer 'Carbapenem-hydrolyzing beta-lactamase KPC'
2 non-polymer (2S,5R)-1-formyl-5-[(sulfooxy)amino]piperidine-2-carbonitrile
3 non-polymer 'SULFATE ION'
4 non-polymer 'CHLORIDE ION'
5 non-polymer 'ACETATE ION'
6 water water
#
_entity_poly.entity_id   1
_entity_poly.type   'polypeptide(L)'
_entity_poly.pdbx_seq_one_letter_code
;ATALTNLVAEPFAKLEQDFGGSIGVYAMDTGSGATVSYRAEERFPLCSSFKGFLAAAVLARSQQQAGLLDTPIRYGKNAL
VPWSPISEKYLTTGMTVAELSAAAVQYSDNAAANLLLKELGGPAGLTAFMRSIGDTTFRLDRWELELNSAIPGDARDTSS
PRAVTESLQKLTLGSALAAPQRQQFVDWLKGNTTGNHRIRAAVPADWAVGDKTGTCGVYGTANDYAVVWPTGRAPIVLAV
YTRAPNKDDKHSEAVIAAAARLALEGLG
;
_entity_poly.pdbx_strand_id   A,B
#
loop_
_chem_comp.id
_chem_comp.type
_chem_comp.name
_chem_comp.formula
ACT non-polymer 'ACETATE ION' 'C2 H3 O2 -1'
C8Y non-polymer (2S,5R)-1-formyl-5-[(sulfooxy)amino]piperidine-2-carbonitrile 'C7 H11 N3 O5 S'
CL non-polymer 'CHLORIDE ION' 'Cl -1'
SO4 non-polymer 'SULFATE ION' 'O4 S -2'
#
# COMPACT_ATOMS: atom_id res chain seq x y z
N ALA A 1 -6.45 -13.10 -54.41
CA ALA A 1 -5.05 -12.68 -54.09
C ALA A 1 -5.00 -11.99 -52.73
N THR A 2 -3.94 -12.26 -51.98
CA THR A 2 -3.73 -11.64 -50.69
C THR A 2 -2.98 -10.32 -50.88
N ALA A 3 -3.05 -9.47 -49.85
CA ALA A 3 -2.19 -8.30 -49.73
C ALA A 3 -0.70 -8.55 -50.05
N LEU A 4 -0.06 -7.52 -50.58
CA LEU A 4 1.35 -7.55 -50.91
C LEU A 4 2.08 -6.95 -49.72
N THR A 5 2.54 -7.81 -48.83
CA THR A 5 2.93 -7.35 -47.50
C THR A 5 4.22 -6.53 -47.58
N ASN A 6 5.07 -6.79 -48.57
CA ASN A 6 6.22 -5.96 -48.92
C ASN A 6 5.89 -4.49 -49.20
N LEU A 7 4.75 -4.28 -49.86
CA LEU A 7 4.27 -2.95 -50.17
C LEU A 7 3.69 -2.32 -48.90
N VAL A 8 2.94 -3.11 -48.13
CA VAL A 8 2.43 -2.62 -46.84
C VAL A 8 3.64 -2.26 -45.92
N ALA A 9 4.70 -3.06 -45.94
CA ALA A 9 5.87 -2.86 -45.06
C ALA A 9 6.80 -1.68 -45.35
N GLU A 10 6.97 -1.35 -46.64
CA GLU A 10 8.03 -0.44 -47.11
C GLU A 10 8.16 0.87 -46.32
N PRO A 11 7.03 1.58 -46.10
CA PRO A 11 7.18 2.87 -45.39
C PRO A 11 7.60 2.76 -43.90
N PHE A 12 7.24 1.66 -43.23
CA PHE A 12 7.77 1.35 -41.86
C PHE A 12 9.29 1.21 -41.84
N ALA A 13 9.83 0.44 -42.78
CA ALA A 13 11.30 0.28 -42.92
C ALA A 13 12.02 1.61 -43.10
N LYS A 14 11.49 2.46 -43.97
CA LYS A 14 12.01 3.78 -44.20
C LYS A 14 12.02 4.59 -42.91
N LEU A 15 10.90 4.58 -42.18
CA LEU A 15 10.77 5.28 -40.89
C LEU A 15 11.84 4.83 -39.91
N GLU A 16 12.03 3.53 -39.84
CA GLU A 16 12.92 3.01 -38.84
C GLU A 16 14.41 3.32 -39.21
N GLN A 17 14.70 3.52 -40.51
CA GLN A 17 16.04 3.99 -40.95
C GLN A 17 16.44 5.32 -40.34
N ASP A 18 15.60 6.33 -40.49
CA ASP A 18 15.88 7.63 -39.84
C ASP A 18 15.82 7.56 -38.31
N PHE A 19 14.95 6.71 -37.78
CA PHE A 19 14.82 6.52 -36.32
C PHE A 19 16.09 5.88 -35.72
N GLY A 20 16.76 5.02 -36.49
CA GLY A 20 17.92 4.24 -36.01
C GLY A 20 17.59 3.05 -35.12
N GLY A 21 16.37 2.50 -35.23
CA GLY A 21 16.02 1.33 -34.48
C GLY A 21 14.92 0.54 -35.16
N SER A 22 14.15 -0.18 -34.36
CA SER A 22 13.13 -1.08 -34.84
C SER A 22 11.77 -0.56 -34.39
N ILE A 23 10.83 -0.59 -35.31
CA ILE A 23 9.40 -0.28 -35.05
C ILE A 23 8.57 -1.54 -35.26
N GLY A 24 7.71 -1.86 -34.29
CA GLY A 24 6.79 -3.00 -34.36
C GLY A 24 5.38 -2.47 -34.41
N VAL A 25 4.54 -3.01 -35.31
CA VAL A 25 3.19 -2.47 -35.51
C VAL A 25 2.24 -3.60 -35.78
N TYR A 26 1.06 -3.58 -35.14
CA TYR A 26 -0.05 -4.42 -35.56
C TYR A 26 -1.31 -3.63 -35.47
N ALA A 27 -2.17 -3.69 -36.48
CA ALA A 27 -3.44 -2.95 -36.47
C ALA A 27 -4.51 -3.90 -36.96
N MET A 28 -5.69 -3.89 -36.34
CA MET A 28 -6.75 -4.79 -36.82
C MET A 28 -8.01 -3.98 -36.96
N ASP A 29 -8.65 -4.13 -38.12
CA ASP A 29 -9.93 -3.47 -38.38
C ASP A 29 -10.96 -4.48 -37.94
N THR A 30 -11.74 -4.21 -36.90
CA THR A 30 -12.72 -5.16 -36.39
C THR A 30 -13.95 -5.23 -37.32
N GLY A 31 -14.10 -4.31 -38.26
CA GLY A 31 -15.20 -4.36 -39.25
C GLY A 31 -14.92 -5.41 -40.31
N SER A 32 -13.85 -5.17 -41.05
CA SER A 32 -13.47 -5.97 -42.18
C SER A 32 -12.58 -7.19 -41.84
N GLY A 33 -11.94 -7.14 -40.67
CA GLY A 33 -10.85 -8.07 -40.37
C GLY A 33 -9.49 -7.80 -41.02
N ALA A 34 -9.37 -6.70 -41.77
CA ALA A 34 -8.10 -6.36 -42.39
C ALA A 34 -7.08 -6.09 -41.30
N THR A 35 -5.80 -6.27 -41.64
CA THR A 35 -4.72 -6.04 -40.71
C THR A 35 -3.53 -5.36 -41.39
N VAL A 36 -2.77 -4.64 -40.61
CA VAL A 36 -1.44 -4.19 -41.02
C VAL A 36 -0.50 -4.79 -39.98
N SER A 37 0.63 -5.33 -40.44
CA SER A 37 1.55 -6.04 -39.59
C SER A 37 2.99 -5.70 -40.03
N TYR A 38 3.82 -5.27 -39.10
CA TYR A 38 5.24 -4.99 -39.38
C TYR A 38 6.05 -5.35 -38.11
N ARG A 39 6.99 -6.30 -38.20
CA ARG A 39 7.67 -6.84 -37.01
C ARG A 39 6.70 -7.10 -35.88
N ALA A 40 5.51 -7.58 -36.20
CA ALA A 40 4.40 -7.62 -35.23
C ALA A 40 4.54 -8.74 -34.20
N GLU A 41 5.41 -9.72 -34.51
CA GLU A 41 5.68 -10.82 -33.63
C GLU A 41 7.06 -10.77 -32.98
N GLU A 42 7.80 -9.68 -33.20
CA GLU A 42 9.05 -9.47 -32.47
C GLU A 42 8.70 -9.00 -31.06
N ARG A 43 9.55 -9.31 -30.09
CA ARG A 43 9.36 -8.77 -28.75
C ARG A 43 9.89 -7.36 -28.58
N PHE A 44 9.12 -6.60 -27.83
CA PHE A 44 9.52 -5.26 -27.45
C PHE A 44 9.26 -5.07 -25.95
N PRO A 45 10.07 -4.23 -25.29
CA PRO A 45 9.75 -4.00 -23.89
C PRO A 45 8.40 -3.30 -23.70
N LEU A 46 7.70 -3.73 -22.67
CA LEU A 46 6.40 -3.16 -22.31
C LEU A 46 6.46 -1.74 -21.77
N CYS A 47 7.52 -1.46 -21.03
CA CYS A 47 7.61 -0.22 -20.20
C CYS A 47 6.30 -0.02 -19.42
N SER A 48 5.76 1.20 -19.35
CA SER A 48 4.56 1.45 -18.61
C SER A 48 3.33 0.84 -19.25
N SER A 49 3.40 0.36 -20.50
CA SER A 49 2.17 -0.12 -21.17
C SER A 49 1.55 -1.31 -20.54
N PHE A 50 2.27 -2.03 -19.64
CA PHE A 50 1.62 -3.12 -18.93
C PHE A 50 0.45 -2.62 -18.04
N LYS A 51 0.50 -1.36 -17.63
CA LYS A 51 -0.52 -0.79 -16.74
C LYS A 51 -1.97 -0.84 -17.26
N GLY A 52 -2.21 -0.83 -18.59
CA GLY A 52 -3.57 -0.99 -19.13
C GLY A 52 -4.09 -2.37 -18.80
N PHE A 53 -3.25 -3.38 -19.05
CA PHE A 53 -3.65 -4.77 -18.87
C PHE A 53 -3.80 -5.08 -17.37
N LEU A 54 -2.97 -4.43 -16.59
CA LEU A 54 -3.08 -4.43 -15.12
C LEU A 54 -4.43 -3.97 -14.69
N ALA A 55 -4.90 -2.86 -15.24
CA ALA A 55 -6.21 -2.36 -14.85
C ALA A 55 -7.31 -3.37 -15.23
N ALA A 56 -7.18 -3.97 -16.40
CA ALA A 56 -8.09 -5.03 -16.82
C ALA A 56 -8.08 -6.25 -15.90
N ALA A 57 -6.92 -6.66 -15.44
CA ALA A 57 -6.80 -7.77 -14.52
C ALA A 57 -7.46 -7.44 -13.17
N VAL A 58 -7.27 -6.20 -12.72
CA VAL A 58 -8.00 -5.70 -11.55
C VAL A 58 -9.50 -5.74 -11.77
N LEU A 59 -9.97 -5.30 -12.94
CA LEU A 59 -11.40 -5.39 -13.22
C LEU A 59 -11.90 -6.84 -13.21
N ALA A 60 -11.11 -7.77 -13.76
CA ALA A 60 -11.45 -9.17 -13.72
C ALA A 60 -11.59 -9.67 -12.27
N ARG A 61 -10.62 -9.34 -11.44
CA ARG A 61 -10.70 -9.67 -10.02
C ARG A 61 -11.98 -9.12 -9.37
N SER A 62 -12.42 -7.93 -9.75
CA SER A 62 -13.55 -7.28 -9.10
C SER A 62 -14.87 -7.99 -9.37
N GLN A 63 -14.92 -8.71 -10.47
CA GLN A 63 -16.11 -9.50 -10.86
C GLN A 63 -16.46 -10.51 -9.80
N GLN A 64 -15.43 -11.08 -9.19
CA GLN A 64 -15.52 -12.04 -8.08
C GLN A 64 -15.38 -11.43 -6.69
N GLN A 65 -15.07 -10.14 -6.59
CA GLN A 65 -14.94 -9.48 -5.28
C GLN A 65 -15.69 -8.16 -5.24
N ALA A 66 -16.97 -8.23 -4.84
CA ALA A 66 -17.88 -7.09 -4.84
C ALA A 66 -17.30 -5.93 -4.02
N GLY A 67 -17.29 -4.74 -4.59
CA GLY A 67 -16.75 -3.57 -3.90
C GLY A 67 -15.23 -3.44 -3.77
N LEU A 68 -14.44 -4.40 -4.30
CA LEU A 68 -12.97 -4.27 -4.37
C LEU A 68 -12.53 -2.91 -4.91
N LEU A 69 -13.22 -2.44 -5.97
CA LEU A 69 -12.86 -1.18 -6.61
C LEU A 69 -12.99 0.03 -5.68
N ASP A 70 -13.99 0.02 -4.80
CA ASP A 70 -14.19 1.13 -3.84
C ASP A 70 -13.50 0.95 -2.49
N THR A 71 -12.60 0.00 -2.43
CA THR A 71 -11.85 -0.29 -1.22
C THR A 71 -10.57 0.53 -1.16
N PRO A 72 -10.40 1.26 -0.05
CA PRO A 72 -9.17 2.06 0.00
C PRO A 72 -7.94 1.21 0.32
N ILE A 73 -6.84 1.51 -0.36
CA ILE A 73 -5.52 1.01 -0.05
C ILE A 73 -4.77 2.17 0.54
N ARG A 74 -4.40 2.00 1.81
CA ARG A 74 -3.73 3.05 2.59
CA ARG A 74 -3.69 3.04 2.55
C ARG A 74 -2.28 2.56 2.68
N TYR A 75 -1.31 3.34 2.20
CA TYR A 75 0.05 2.87 2.03
C TYR A 75 1.03 3.77 2.76
N GLY A 76 2.22 3.25 2.98
CA GLY A 76 3.35 4.05 3.49
C GLY A 76 4.31 4.56 2.42
N LYS A 77 5.31 5.32 2.89
CA LYS A 77 6.45 5.81 2.07
C LYS A 77 7.04 4.80 1.10
N ASN A 78 7.28 3.57 1.53
CA ASN A 78 7.84 2.51 0.65
C ASN A 78 7.05 2.19 -0.58
N ALA A 79 5.77 2.55 -0.63
CA ALA A 79 5.02 2.40 -1.86
C ALA A 79 5.55 3.34 -2.95
N LEU A 80 6.14 4.48 -2.56
CA LEU A 80 6.43 5.56 -3.51
C LEU A 80 7.77 5.44 -4.22
N VAL A 81 7.73 5.88 -5.47
CA VAL A 81 8.78 5.71 -6.43
C VAL A 81 8.55 6.89 -7.39
N PRO A 82 9.60 7.38 -8.07
CA PRO A 82 9.42 8.53 -8.98
C PRO A 82 8.39 8.22 -10.07
N TRP A 83 7.80 9.28 -10.65
CA TRP A 83 6.71 9.16 -11.66
C TRP A 83 5.44 8.51 -11.10
N SER A 84 5.09 8.96 -9.91
CA SER A 84 3.95 8.55 -9.15
C SER A 84 3.22 9.82 -8.67
N PRO A 85 2.77 10.69 -9.62
CA PRO A 85 2.27 12.02 -9.29
C PRO A 85 0.92 12.01 -8.56
N ILE A 86 0.11 10.99 -8.78
CA ILE A 86 -1.19 10.91 -8.07
C ILE A 86 -1.04 10.22 -6.72
N SER A 87 -0.33 9.10 -6.67
CA SER A 87 -0.20 8.38 -5.38
C SER A 87 0.61 9.18 -4.38
N GLU A 88 1.53 10.01 -4.88
CA GLU A 88 2.27 10.91 -3.99
C GLU A 88 1.33 11.91 -3.31
N LYS A 89 0.37 12.43 -4.08
CA LYS A 89 -0.60 13.39 -3.49
C LYS A 89 -1.46 12.82 -2.38
N TYR A 90 -1.78 11.52 -2.42
CA TYR A 90 -2.68 10.89 -1.46
C TYR A 90 -1.97 10.01 -0.42
N LEU A 91 -0.67 10.19 -0.27
CA LEU A 91 0.04 9.47 0.78
C LEU A 91 -0.62 9.57 2.18
N THR A 92 -1.12 10.75 2.56
CA THR A 92 -1.62 10.97 3.89
C THR A 92 -3.05 10.45 4.07
N THR A 93 -3.64 9.86 3.02
CA THR A 93 -5.02 9.36 3.09
C THR A 93 -5.24 8.00 2.52
N GLY A 94 -4.58 7.68 1.42
CA GLY A 94 -4.88 6.46 0.68
C GLY A 94 -5.72 6.72 -0.58
N MET A 95 -5.85 5.67 -1.37
CA MET A 95 -6.60 5.70 -2.59
C MET A 95 -7.33 4.38 -2.75
N THR A 96 -8.53 4.47 -3.30
CA THR A 96 -9.28 3.27 -3.63
C THR A 96 -8.63 2.53 -4.76
N VAL A 97 -9.00 1.24 -4.88
CA VAL A 97 -8.47 0.43 -5.97
C VAL A 97 -8.82 1.09 -7.35
N ALA A 98 -10.07 1.55 -7.51
CA ALA A 98 -10.52 2.29 -8.72
C ALA A 98 -9.68 3.52 -9.02
N GLU A 99 -9.43 4.32 -7.99
CA GLU A 99 -8.58 5.50 -8.09
C GLU A 99 -7.15 5.14 -8.50
N LEU A 100 -6.60 4.08 -7.90
CA LEU A 100 -5.23 3.63 -8.25
C LEU A 100 -5.16 3.18 -9.69
N SER A 101 -6.17 2.40 -10.09
CA SER A 101 -6.32 1.97 -11.47
C SER A 101 -6.42 3.10 -12.48
N ALA A 102 -7.24 4.10 -12.19
CA ALA A 102 -7.36 5.26 -13.07
C ALA A 102 -5.99 5.97 -13.16
N ALA A 103 -5.32 6.06 -12.03
CA ALA A 103 -4.01 6.78 -11.96
C ALA A 103 -2.94 6.00 -12.76
N ALA A 104 -2.93 4.69 -12.61
CA ALA A 104 -2.02 3.80 -13.35
C ALA A 104 -2.19 3.95 -14.87
N VAL A 105 -3.45 3.94 -15.34
CA VAL A 105 -3.77 4.06 -16.76
C VAL A 105 -3.56 5.47 -17.28
N GLN A 106 -4.11 6.45 -16.57
CA GLN A 106 -4.32 7.75 -17.16
C GLN A 106 -3.15 8.70 -16.88
N TYR A 107 -2.42 8.43 -15.80
CA TYR A 107 -1.17 9.19 -15.48
C TYR A 107 0.06 8.30 -15.47
N SER A 108 -0.11 7.02 -15.75
CA SER A 108 1.02 6.09 -15.74
C SER A 108 1.77 6.11 -14.40
N ASP A 109 1.02 6.25 -13.32
CA ASP A 109 1.51 6.34 -11.96
C ASP A 109 2.20 5.02 -11.56
N ASN A 110 3.49 5.11 -11.24
CA ASN A 110 4.29 3.90 -10.96
C ASN A 110 3.94 3.20 -9.66
N ALA A 111 3.96 3.95 -8.57
CA ALA A 111 3.54 3.45 -7.28
C ALA A 111 2.14 2.82 -7.29
N ALA A 112 1.19 3.47 -7.96
CA ALA A 112 -0.17 2.91 -8.07
C ALA A 112 -0.14 1.58 -8.80
N ALA A 113 0.64 1.47 -9.88
CA ALA A 113 0.76 0.20 -10.57
C ALA A 113 1.37 -0.92 -9.67
N ASN A 114 2.44 -0.61 -8.94
CA ASN A 114 3.02 -1.56 -7.95
C ASN A 114 2.02 -1.97 -6.86
N LEU A 115 1.21 -1.02 -6.41
CA LEU A 115 0.22 -1.36 -5.40
C LEU A 115 -0.81 -2.34 -5.96
N LEU A 116 -1.20 -2.11 -7.20
CA LEU A 116 -2.18 -3.03 -7.84
C LEU A 116 -1.56 -4.35 -8.17
N LEU A 117 -0.28 -4.36 -8.51
CA LEU A 117 0.46 -5.64 -8.79
C LEU A 117 0.43 -6.50 -7.54
N LYS A 118 0.65 -5.88 -6.41
CA LYS A 118 0.62 -6.57 -5.14
C LYS A 118 -0.74 -7.23 -4.95
N GLU A 119 -1.82 -6.53 -5.31
CA GLU A 119 -3.16 -7.12 -5.18
C GLU A 119 -3.36 -8.34 -6.00
N LEU A 120 -2.72 -8.42 -7.18
CA LEU A 120 -2.83 -9.59 -8.05
C LEU A 120 -1.81 -10.68 -7.76
N GLY A 121 -0.98 -10.53 -6.73
CA GLY A 121 0.10 -11.53 -6.48
C GLY A 121 1.38 -11.27 -7.27
N GLY A 122 1.69 -9.99 -7.54
CA GLY A 122 2.94 -9.62 -8.23
C GLY A 122 2.83 -9.67 -9.73
N PRO A 123 3.91 -9.32 -10.44
CA PRO A 123 4.02 -9.46 -11.89
C PRO A 123 3.52 -10.80 -12.43
N ALA A 124 3.83 -11.90 -11.72
CA ALA A 124 3.40 -13.22 -12.19
C ALA A 124 1.89 -13.34 -12.18
N GLY A 125 1.23 -12.71 -11.20
CA GLY A 125 -0.24 -12.58 -11.19
C GLY A 125 -0.85 -11.94 -12.45
N LEU A 126 -0.25 -10.90 -12.94
CA LEU A 126 -0.71 -10.24 -14.19
C LEU A 126 -0.44 -11.09 -15.41
N THR A 127 0.76 -11.67 -15.47
CA THR A 127 1.07 -12.60 -16.57
C THR A 127 0.05 -13.75 -16.60
N ALA A 128 -0.26 -14.30 -15.44
CA ALA A 128 -1.30 -15.34 -15.36
C ALA A 128 -2.67 -14.87 -15.84
N PHE A 129 -3.05 -13.65 -15.55
CA PHE A 129 -4.30 -13.13 -16.11
C PHE A 129 -4.23 -13.07 -17.66
N MET A 130 -3.10 -12.66 -18.20
CA MET A 130 -2.95 -12.61 -19.66
C MET A 130 -3.01 -14.00 -20.30
N ARG A 131 -2.43 -15.00 -19.64
CA ARG A 131 -2.51 -16.39 -20.09
C ARG A 131 -3.95 -16.87 -20.06
N SER A 132 -4.72 -16.41 -19.08
CA SER A 132 -6.13 -16.83 -18.93
C SER A 132 -7.05 -16.42 -20.11
N ILE A 133 -6.69 -15.34 -20.79
CA ILE A 133 -7.36 -14.89 -22.02
C ILE A 133 -6.65 -15.29 -23.31
N GLY A 134 -5.67 -16.21 -23.21
CA GLY A 134 -5.03 -16.80 -24.35
C GLY A 134 -3.86 -16.06 -24.94
N ASP A 135 -3.32 -15.12 -24.17
CA ASP A 135 -2.09 -14.42 -24.54
C ASP A 135 -0.93 -15.22 -23.96
N THR A 136 -0.20 -15.90 -24.85
CA THR A 136 0.94 -16.69 -24.49
C THR A 136 2.26 -15.93 -24.64
N THR A 137 2.20 -14.71 -25.16
CA THR A 137 3.41 -13.91 -25.45
C THR A 137 3.79 -12.99 -24.31
N PHE A 138 2.77 -12.29 -23.80
CA PHE A 138 2.94 -11.29 -22.72
C PHE A 138 3.73 -11.88 -21.56
N ARG A 139 4.74 -11.14 -21.10
CA ARG A 139 5.36 -11.51 -19.85
C ARG A 139 5.79 -10.32 -19.04
N LEU A 140 5.24 -10.22 -17.83
CA LEU A 140 5.73 -9.26 -16.86
C LEU A 140 6.36 -10.08 -15.76
N ASP A 141 7.61 -9.77 -15.57
CA ASP A 141 8.50 -10.38 -14.60
C ASP A 141 8.84 -9.52 -13.41
N ARG A 142 9.06 -8.24 -13.63
CA ARG A 142 9.49 -7.34 -12.60
C ARG A 142 8.47 -6.23 -12.32
N TRP A 143 8.86 -5.36 -11.38
CA TRP A 143 8.06 -4.27 -10.84
C TRP A 143 8.61 -2.95 -11.35
N GLU A 144 7.85 -1.88 -11.10
CA GLU A 144 8.40 -0.52 -11.35
C GLU A 144 9.47 -0.27 -10.29
N LEU A 145 10.65 0.26 -10.61
CA LEU A 145 11.08 0.72 -11.92
C LEU A 145 11.95 -0.25 -12.71
N GLU A 146 12.34 -1.38 -12.09
CA GLU A 146 13.26 -2.28 -12.74
C GLU A 146 12.79 -2.77 -14.12
N LEU A 147 11.46 -2.91 -14.29
CA LEU A 147 10.93 -3.41 -15.55
C LEU A 147 11.22 -2.48 -16.75
N ASN A 148 11.67 -1.26 -16.48
CA ASN A 148 11.95 -0.26 -17.53
C ASN A 148 13.35 -0.37 -18.13
N SER A 149 14.20 -1.27 -17.63
CA SER A 149 15.60 -1.35 -18.03
CA SER A 149 15.60 -1.30 -18.03
C SER A 149 15.78 -1.52 -19.53
N ALA A 150 14.92 -2.31 -20.18
CA ALA A 150 14.91 -2.40 -21.65
C ALA A 150 16.30 -2.76 -22.28
N ILE A 151 17.01 -3.64 -21.59
CA ILE A 151 18.32 -4.04 -22.03
C ILE A 151 18.21 -4.90 -23.28
N PRO A 152 19.01 -4.56 -24.31
CA PRO A 152 18.99 -5.38 -25.54
C PRO A 152 19.14 -6.90 -25.31
N GLY A 153 18.27 -7.71 -25.91
CA GLY A 153 18.29 -9.14 -25.72
C GLY A 153 17.44 -9.68 -24.56
N ASP A 154 17.02 -8.79 -23.65
CA ASP A 154 16.27 -9.23 -22.47
C ASP A 154 14.82 -9.52 -22.90
N ALA A 155 14.37 -10.75 -22.68
CA ALA A 155 12.98 -11.12 -22.96
C ALA A 155 12.03 -10.82 -21.79
N ARG A 156 12.59 -10.46 -20.63
CA ARG A 156 11.75 -10.13 -19.49
C ARG A 156 10.97 -8.86 -19.77
N ASP A 157 9.74 -8.83 -19.29
CA ASP A 157 8.94 -7.60 -19.35
C ASP A 157 8.72 -7.14 -20.78
N THR A 158 8.37 -8.07 -21.64
CA THR A 158 8.09 -7.77 -23.05
C THR A 158 6.80 -8.36 -23.50
N SER A 159 6.31 -7.90 -24.67
CA SER A 159 5.30 -8.64 -25.42
C SER A 159 5.53 -8.36 -26.88
N SER A 160 4.61 -8.79 -27.74
CA SER A 160 4.66 -8.42 -29.18
C SER A 160 3.57 -7.42 -29.53
N PRO A 161 3.75 -6.61 -30.59
CA PRO A 161 2.65 -5.72 -30.97
C PRO A 161 1.37 -6.47 -31.28
N ARG A 162 1.51 -7.62 -31.92
CA ARG A 162 0.35 -8.39 -32.26
C ARG A 162 -0.39 -8.90 -31.02
N ALA A 163 0.33 -9.48 -30.06
CA ALA A 163 -0.28 -10.02 -28.84
C ALA A 163 -0.96 -8.92 -28.00
N VAL A 164 -0.28 -7.79 -27.87
CA VAL A 164 -0.88 -6.60 -27.28
C VAL A 164 -2.23 -6.22 -27.93
N THR A 165 -2.22 -6.16 -29.27
CA THR A 165 -3.42 -5.81 -30.01
C THR A 165 -4.53 -6.85 -29.83
N GLU A 166 -4.17 -8.13 -29.93
CA GLU A 166 -5.21 -9.20 -29.79
C GLU A 166 -5.79 -9.18 -28.36
N SER A 167 -4.92 -9.02 -27.35
CA SER A 167 -5.42 -8.96 -25.98
C SER A 167 -6.23 -7.70 -25.69
N LEU A 168 -5.80 -6.58 -26.26
CA LEU A 168 -6.55 -5.33 -26.11
C LEU A 168 -7.95 -5.47 -26.73
N GLN A 169 -8.03 -6.10 -27.90
CA GLN A 169 -9.29 -6.30 -28.55
C GLN A 169 -10.26 -7.20 -27.72
N LYS A 170 -9.71 -8.28 -27.17
CA LYS A 170 -10.51 -9.21 -26.33
C LYS A 170 -11.15 -8.50 -25.15
N LEU A 171 -10.38 -7.59 -24.55
CA LEU A 171 -10.74 -6.98 -23.26
C LEU A 171 -11.63 -5.75 -23.43
N THR A 172 -11.43 -5.00 -24.52
CA THR A 172 -12.17 -3.73 -24.76
C THR A 172 -13.44 -3.91 -25.63
N LEU A 173 -13.39 -4.84 -26.58
CA LEU A 173 -14.49 -5.07 -27.54
C LEU A 173 -15.12 -6.44 -27.45
N GLY A 174 -14.33 -7.49 -27.22
CA GLY A 174 -14.90 -8.82 -26.99
C GLY A 174 -15.45 -8.94 -25.59
N SER A 175 -15.91 -10.12 -25.24
CA SER A 175 -16.63 -10.30 -23.97
C SER A 175 -15.72 -10.98 -22.93
N ALA A 176 -14.41 -10.75 -22.99
CA ALA A 176 -13.53 -11.41 -22.03
C ALA A 176 -13.90 -11.03 -20.58
N LEU A 177 -14.28 -9.76 -20.42
CA LEU A 177 -14.81 -9.21 -19.21
C LEU A 177 -16.31 -9.11 -19.32
N ALA A 178 -16.93 -9.02 -18.14
CA ALA A 178 -18.35 -8.64 -18.06
C ALA A 178 -18.53 -7.21 -18.58
N ALA A 179 -19.73 -6.92 -19.07
CA ALA A 179 -19.97 -5.63 -19.74
C ALA A 179 -19.72 -4.38 -18.87
N PRO A 180 -20.16 -4.36 -17.59
CA PRO A 180 -19.76 -3.16 -16.83
C PRO A 180 -18.25 -2.96 -16.73
N GLN A 181 -17.52 -4.04 -16.47
CA GLN A 181 -16.06 -3.99 -16.31
C GLN A 181 -15.37 -3.60 -17.65
N ARG A 182 -15.86 -4.18 -18.74
CA ARG A 182 -15.38 -3.81 -20.08
CA ARG A 182 -15.42 -3.82 -20.08
C ARG A 182 -15.56 -2.30 -20.30
N GLN A 183 -16.73 -1.78 -19.98
CA GLN A 183 -16.96 -0.34 -20.18
C GLN A 183 -16.05 0.49 -19.32
N GLN A 184 -15.86 0.06 -18.07
CA GLN A 184 -14.93 0.73 -17.17
C GLN A 184 -13.50 0.76 -17.74
N PHE A 185 -13.07 -0.33 -18.36
CA PHE A 185 -11.73 -0.38 -18.94
C PHE A 185 -11.60 0.64 -20.08
N VAL A 186 -12.61 0.66 -20.92
CA VAL A 186 -12.67 1.58 -22.06
C VAL A 186 -12.67 3.02 -21.57
N ASP A 187 -13.49 3.29 -20.55
CA ASP A 187 -13.58 4.64 -19.99
C ASP A 187 -12.23 5.09 -19.44
N TRP A 188 -11.52 4.18 -18.75
CA TRP A 188 -10.19 4.52 -18.26
C TRP A 188 -9.24 4.83 -19.41
N LEU A 189 -9.21 3.97 -20.42
CA LEU A 189 -8.38 4.20 -21.60
C LEU A 189 -8.69 5.51 -22.31
N LYS A 190 -9.99 5.82 -22.39
CA LYS A 190 -10.47 7.01 -23.08
C LYS A 190 -10.03 8.27 -22.36
N GLY A 191 -9.87 8.19 -21.04
CA GLY A 191 -9.46 9.30 -20.24
C GLY A 191 -7.95 9.39 -20.04
N ASN A 192 -7.15 8.58 -20.76
CA ASN A 192 -5.70 8.75 -20.64
C ASN A 192 -5.22 10.16 -20.99
N THR A 193 -4.22 10.65 -20.24
CA THR A 193 -3.66 12.00 -20.41
C THR A 193 -2.31 12.07 -21.04
N THR A 194 -1.63 10.93 -21.21
CA THR A 194 -0.24 10.87 -21.63
C THR A 194 0.01 10.56 -23.11
N GLY A 195 -1.08 10.39 -23.87
CA GLY A 195 -1.01 9.88 -25.23
C GLY A 195 -1.29 10.85 -26.36
N ASN A 196 -1.29 12.15 -26.10
CA ASN A 196 -1.76 13.09 -27.14
C ASN A 196 -0.82 13.23 -28.33
N HIS A 197 0.46 12.91 -28.16
CA HIS A 197 1.45 12.99 -29.25
C HIS A 197 1.80 11.66 -29.90
N ARG A 198 1.00 10.62 -29.68
CA ARG A 198 1.30 9.30 -30.16
C ARG A 198 0.18 8.85 -31.08
N ILE A 199 -0.49 7.73 -30.82
CA ILE A 199 -1.55 7.27 -31.73
C ILE A 199 -2.65 8.36 -31.91
N ARG A 200 -3.05 9.02 -30.83
CA ARG A 200 -4.05 10.09 -30.92
C ARG A 200 -3.65 11.20 -31.90
N ALA A 201 -2.35 11.46 -32.03
CA ALA A 201 -1.91 12.49 -32.98
C ALA A 201 -2.16 12.09 -34.45
N ALA A 202 -2.49 10.83 -34.70
CA ALA A 202 -2.73 10.33 -36.07
C ALA A 202 -4.21 10.21 -36.37
N VAL A 203 -5.06 10.44 -35.36
CA VAL A 203 -6.50 10.18 -35.50
C VAL A 203 -7.28 11.51 -35.55
N PRO A 204 -8.23 11.66 -36.51
CA PRO A 204 -9.14 12.81 -36.47
C PRO A 204 -9.66 13.10 -35.07
N ALA A 205 -9.58 14.36 -34.66
CA ALA A 205 -10.00 14.79 -33.33
C ALA A 205 -11.42 14.36 -32.93
N ASP A 206 -12.35 14.34 -33.88
CA ASP A 206 -13.73 13.92 -33.60
C ASP A 206 -13.96 12.39 -33.42
N TRP A 207 -12.91 11.56 -33.56
CA TRP A 207 -12.99 10.12 -33.31
C TRP A 207 -12.44 9.79 -31.90
N ALA A 208 -13.22 9.03 -31.13
CA ALA A 208 -12.87 8.63 -29.75
C ALA A 208 -11.68 7.65 -29.80
N VAL A 209 -10.75 7.84 -28.86
CA VAL A 209 -9.52 7.05 -28.76
C VAL A 209 -9.29 6.74 -27.28
N GLY A 210 -9.02 5.47 -26.97
CA GLY A 210 -8.56 5.06 -25.66
C GLY A 210 -7.17 4.47 -25.87
N ASP A 211 -6.22 4.82 -25.02
CA ASP A 211 -4.84 4.37 -25.19
C ASP A 211 -4.06 4.22 -23.92
N LYS A 212 -2.92 3.53 -24.02
CA LYS A 212 -1.98 3.48 -22.93
C LYS A 212 -0.57 3.55 -23.48
N THR A 213 0.23 4.48 -22.96
CA THR A 213 1.60 4.69 -23.40
C THR A 213 2.63 3.98 -22.50
N GLY A 214 3.87 3.91 -22.99
CA GLY A 214 5.02 3.44 -22.26
C GLY A 214 6.28 4.16 -22.75
N THR A 215 7.15 4.51 -21.84
CA THR A 215 8.42 5.16 -22.20
C THR A 215 9.50 4.69 -21.25
N CYS A 216 10.37 3.78 -21.70
CA CYS A 216 11.33 3.16 -20.77
C CYS A 216 12.42 4.14 -20.40
N GLY A 217 12.67 5.11 -21.28
CA GLY A 217 13.69 6.20 -21.05
C GLY A 217 15.11 5.83 -21.47
N VAL A 218 15.29 4.66 -22.06
CA VAL A 218 16.55 4.21 -22.59
C VAL A 218 16.32 3.37 -23.86
N TYR A 219 17.39 3.17 -24.63
CA TYR A 219 17.35 2.25 -25.78
C TYR A 219 16.20 2.54 -26.77
N GLY A 220 15.94 3.80 -27.02
CA GLY A 220 14.89 4.23 -27.94
C GLY A 220 13.59 3.54 -27.75
N THR A 221 13.27 3.20 -26.49
CA THR A 221 12.25 2.22 -26.23
C THR A 221 10.97 2.91 -25.71
N ALA A 222 9.95 2.93 -26.55
CA ALA A 222 8.68 3.59 -26.20
C ALA A 222 7.57 3.03 -27.00
N ASN A 223 6.34 3.24 -26.56
CA ASN A 223 5.22 2.59 -27.20
C ASN A 223 3.86 3.26 -26.94
N ASP A 224 2.86 2.76 -27.65
CA ASP A 224 1.48 3.15 -27.41
C ASP A 224 0.59 2.04 -27.99
N TYR A 225 -0.49 1.73 -27.30
CA TYR A 225 -1.58 0.97 -27.92
C TYR A 225 -2.91 1.65 -27.73
N ALA A 226 -3.86 1.36 -28.62
CA ALA A 226 -5.15 2.08 -28.63
C ALA A 226 -6.26 1.32 -29.24
N VAL A 227 -7.48 1.74 -28.86
CA VAL A 227 -8.67 1.44 -29.59
C VAL A 227 -9.13 2.78 -30.15
N VAL A 228 -9.49 2.77 -31.42
CA VAL A 228 -9.99 3.96 -32.11
C VAL A 228 -11.42 3.67 -32.55
N TRP A 229 -12.36 4.61 -32.34
CA TRP A 229 -13.74 4.45 -32.85
C TRP A 229 -14.01 5.54 -33.89
N PRO A 230 -13.82 5.23 -35.19
CA PRO A 230 -14.28 6.12 -36.24
C PRO A 230 -15.80 6.23 -36.19
N THR A 231 -16.32 7.43 -36.34
CA THR A 231 -17.76 7.65 -36.24
C THR A 231 -18.50 6.76 -37.20
N GLY A 232 -19.49 6.03 -36.69
CA GLY A 232 -20.29 5.08 -37.49
C GLY A 232 -19.59 3.95 -38.19
N ARG A 233 -18.41 3.55 -37.70
CA ARG A 233 -17.68 2.47 -38.32
C ARG A 233 -17.19 1.55 -37.22
N ALA A 234 -16.78 0.36 -37.61
CA ALA A 234 -16.18 -0.57 -36.65
C ALA A 234 -14.86 -0.04 -36.08
N PRO A 235 -14.64 -0.26 -34.76
CA PRO A 235 -13.40 0.20 -34.18
C PRO A 235 -12.17 -0.53 -34.70
N ILE A 236 -11.06 0.15 -34.54
CA ILE A 236 -9.73 -0.32 -34.90
C ILE A 236 -8.95 -0.52 -33.61
N VAL A 237 -8.20 -1.61 -33.52
CA VAL A 237 -7.30 -1.87 -32.41
C VAL A 237 -5.89 -1.91 -32.98
N LEU A 238 -4.95 -1.20 -32.36
CA LEU A 238 -3.56 -1.19 -32.85
C LEU A 238 -2.53 -0.94 -31.76
N ALA A 239 -1.30 -1.30 -32.09
CA ALA A 239 -0.19 -1.16 -31.15
C ALA A 239 1.07 -0.78 -31.89
N VAL A 240 1.82 0.15 -31.36
CA VAL A 240 3.07 0.60 -31.98
C VAL A 240 4.15 0.59 -30.89
N TYR A 241 5.23 -0.19 -31.09
CA TYR A 241 6.31 -0.35 -30.13
C TYR A 241 7.63 -0.09 -30.82
N THR A 242 8.56 0.58 -30.12
CA THR A 242 9.91 0.84 -30.61
C THR A 242 11.00 0.36 -29.66
N ARG A 243 12.15 0.14 -30.26
CA ARG A 243 13.41 -0.06 -29.52
C ARG A 243 14.56 0.28 -30.44
N ALA A 244 15.72 0.49 -29.85
CA ALA A 244 16.94 0.82 -30.58
C ALA A 244 18.18 0.28 -29.89
N PRO A 245 19.25 0.05 -30.65
CA PRO A 245 20.34 -0.72 -30.09
C PRO A 245 21.23 -0.01 -29.04
N ASN A 246 21.30 1.32 -29.04
CA ASN A 246 22.17 2.02 -28.11
C ASN A 246 21.38 2.64 -26.96
N LYS A 247 22.01 2.72 -25.79
CA LYS A 247 21.26 3.19 -24.59
C LYS A 247 20.79 4.61 -24.77
N ASP A 248 21.61 5.42 -25.42
CA ASP A 248 21.31 6.82 -25.68
C ASP A 248 20.63 7.05 -27.03
N ASP A 249 20.11 6.03 -27.71
CA ASP A 249 19.23 6.31 -28.88
C ASP A 249 17.93 6.91 -28.29
N LYS A 250 17.51 8.07 -28.79
CA LYS A 250 16.26 8.72 -28.32
C LYS A 250 15.07 7.96 -28.82
N HIS A 251 14.05 7.88 -27.99
CA HIS A 251 12.75 7.39 -28.42
C HIS A 251 12.10 8.60 -29.11
N SER A 252 11.02 8.38 -29.82
CA SER A 252 10.35 9.48 -30.54
C SER A 252 8.86 9.29 -30.57
N GLU A 253 8.15 10.30 -30.10
CA GLU A 253 6.70 10.31 -30.18
C GLU A 253 6.30 10.56 -31.63
N ALA A 254 7.05 11.40 -32.35
CA ALA A 254 6.74 11.63 -33.79
C ALA A 254 6.75 10.33 -34.61
N VAL A 255 7.78 9.50 -34.41
CA VAL A 255 7.90 8.20 -35.07
C VAL A 255 6.71 7.29 -34.75
N ILE A 256 6.30 7.27 -33.46
CA ILE A 256 5.15 6.49 -33.05
C ILE A 256 3.91 6.98 -33.79
N ALA A 257 3.67 8.28 -33.74
CA ALA A 257 2.51 8.87 -34.45
C ALA A 257 2.56 8.59 -35.96
N ALA A 258 3.73 8.65 -36.56
CA ALA A 258 3.90 8.40 -38.01
C ALA A 258 3.59 6.94 -38.37
N ALA A 259 3.99 6.03 -37.48
CA ALA A 259 3.74 4.62 -37.70
C ALA A 259 2.27 4.30 -37.50
N ALA A 260 1.65 4.92 -36.51
CA ALA A 260 0.19 4.79 -36.34
C ALA A 260 -0.59 5.21 -37.60
N ARG A 261 -0.24 6.35 -38.14
CA ARG A 261 -0.81 6.88 -39.39
C ARG A 261 -0.67 5.87 -40.52
N LEU A 262 0.55 5.38 -40.75
CA LEU A 262 0.81 4.41 -41.80
C LEU A 262 -0.03 3.16 -41.64
N ALA A 263 -0.11 2.67 -40.40
CA ALA A 263 -0.95 1.55 -40.08
C ALA A 263 -2.42 1.83 -40.34
N LEU A 264 -2.95 2.91 -39.78
CA LEU A 264 -4.38 3.23 -39.93
C LEU A 264 -4.77 3.43 -41.39
N GLU A 265 -3.91 4.16 -42.12
CA GLU A 265 -4.13 4.38 -43.58
C GLU A 265 -4.09 3.14 -44.46
N GLY A 266 -3.36 2.10 -43.99
CA GLY A 266 -3.14 0.89 -44.73
C GLY A 266 -4.17 -0.20 -44.57
N LEU A 267 -5.15 0.01 -43.69
CA LEU A 267 -6.26 -0.91 -43.46
C LEU A 267 -7.38 -0.86 -44.50
N GLY A 268 -7.74 -2.03 -45.03
CA GLY A 268 -8.88 -2.12 -45.95
C GLY A 268 -9.40 -3.53 -46.19
N LEU B 4 23.26 -5.13 38.95
CA LEU B 4 23.80 -6.52 38.55
C LEU B 4 22.81 -7.21 37.64
N THR B 5 22.79 -6.75 36.40
CA THR B 5 21.65 -7.05 35.54
C THR B 5 21.49 -8.55 35.23
N ASN B 6 22.60 -9.31 35.22
CA ASN B 6 22.52 -10.75 35.04
C ASN B 6 21.57 -11.44 36.04
N LEU B 7 21.62 -11.02 37.29
CA LEU B 7 20.72 -11.60 38.29
C LEU B 7 19.27 -11.14 38.08
N VAL B 8 19.06 -9.90 37.68
CA VAL B 8 17.67 -9.45 37.39
C VAL B 8 17.13 -10.11 36.10
N ALA B 9 17.98 -10.31 35.09
CA ALA B 9 17.58 -10.95 33.83
C ALA B 9 17.18 -12.42 33.90
N GLU B 10 17.75 -13.16 34.84
CA GLU B 10 17.72 -14.64 34.88
C GLU B 10 16.35 -15.29 34.66
N PRO B 11 15.33 -14.94 35.47
CA PRO B 11 14.03 -15.57 35.24
C PRO B 11 13.34 -15.21 33.89
N PHE B 12 13.74 -14.12 33.24
CA PHE B 12 13.21 -13.79 31.90
C PHE B 12 13.69 -14.75 30.82
N ALA B 13 14.94 -15.19 30.89
CA ALA B 13 15.47 -16.13 29.89
C ALA B 13 14.71 -17.44 29.89
N LYS B 14 14.44 -17.98 31.09
CA LYS B 14 13.68 -19.20 31.24
C LYS B 14 12.27 -19.04 30.67
N LEU B 15 11.63 -17.93 31.04
CA LEU B 15 10.29 -17.64 30.59
C LEU B 15 10.26 -17.55 29.06
N GLU B 16 11.26 -16.93 28.43
CA GLU B 16 11.18 -16.79 26.99
C GLU B 16 11.50 -18.10 26.27
N GLN B 17 12.32 -18.94 26.90
CA GLN B 17 12.68 -20.23 26.31
C GLN B 17 11.47 -21.15 26.30
N ASP B 18 10.74 -21.21 27.41
CA ASP B 18 9.47 -21.97 27.45
C ASP B 18 8.41 -21.42 26.48
N PHE B 19 8.39 -20.11 26.30
CA PHE B 19 7.46 -19.47 25.37
C PHE B 19 7.76 -19.81 23.89
N GLY B 20 9.07 -19.95 23.58
CA GLY B 20 9.54 -20.31 22.27
C GLY B 20 9.80 -19.11 21.38
N GLY B 21 10.24 -18.00 21.97
CA GLY B 21 10.30 -16.76 21.26
C GLY B 21 11.12 -15.78 22.10
N SER B 22 10.98 -14.49 21.81
CA SER B 22 11.70 -13.43 22.52
C SER B 22 10.70 -12.54 23.30
N ILE B 23 11.06 -12.15 24.51
CA ILE B 23 10.30 -11.21 25.32
C ILE B 23 11.13 -9.97 25.58
N GLY B 24 10.52 -8.79 25.42
CA GLY B 24 11.22 -7.53 25.74
C GLY B 24 10.48 -6.85 26.88
N VAL B 25 11.23 -6.41 27.89
CA VAL B 25 10.66 -5.83 29.10
C VAL B 25 11.42 -4.58 29.54
N TYR B 26 10.65 -3.56 29.89
CA TYR B 26 11.18 -2.38 30.57
C TYR B 26 10.17 -1.88 31.58
N ALA B 27 10.65 -1.60 32.78
CA ALA B 27 9.79 -1.09 33.83
C ALA B 27 10.52 0.03 34.57
N MET B 28 9.79 1.05 34.98
CA MET B 28 10.43 2.20 35.65
CA MET B 28 10.37 2.27 35.58
C MET B 28 9.57 2.66 36.83
N ASP B 29 10.23 2.71 38.00
CA ASP B 29 9.63 3.32 39.19
C ASP B 29 9.82 4.81 39.12
N THR B 30 8.71 5.55 38.98
CA THR B 30 8.74 7.00 38.78
C THR B 30 9.02 7.84 40.03
N GLY B 31 9.04 7.23 41.21
CA GLY B 31 9.45 7.92 42.44
C GLY B 31 10.95 7.83 42.61
N SER B 32 11.42 6.59 42.73
CA SER B 32 12.83 6.28 42.90
C SER B 32 13.73 6.31 41.65
N GLY B 33 13.14 6.24 40.45
CA GLY B 33 13.91 5.99 39.21
C GLY B 33 14.51 4.59 39.02
N ALA B 34 14.22 3.67 39.93
CA ALA B 34 14.55 2.27 39.75
C ALA B 34 14.00 1.74 38.42
N THR B 35 14.77 0.89 37.75
CA THR B 35 14.31 0.21 36.53
C THR B 35 14.61 -1.28 36.50
N VAL B 36 13.81 -2.02 35.73
CA VAL B 36 14.14 -3.38 35.31
C VAL B 36 14.12 -3.47 33.78
N SER B 37 15.09 -4.17 33.21
CA SER B 37 15.33 -4.20 31.75
C SER B 37 15.64 -5.62 31.24
N TYR B 38 14.99 -6.05 30.16
CA TYR B 38 15.36 -7.30 29.48
C TYR B 38 15.03 -7.16 28.00
N ARG B 39 16.05 -7.30 27.14
CA ARG B 39 15.92 -6.97 25.70
C ARG B 39 15.20 -5.60 25.51
N ALA B 40 15.49 -4.62 26.38
CA ALA B 40 14.69 -3.36 26.40
C ALA B 40 14.97 -2.41 25.23
N GLU B 41 16.10 -2.59 24.57
CA GLU B 41 16.42 -1.85 23.37
C GLU B 41 16.24 -2.59 22.05
N GLU B 42 15.77 -3.85 22.07
CA GLU B 42 15.44 -4.58 20.85
C GLU B 42 14.12 -4.06 20.27
N ARG B 43 13.98 -4.11 18.97
CA ARG B 43 12.75 -3.66 18.34
C ARG B 43 11.74 -4.80 18.39
N PHE B 44 10.50 -4.44 18.65
CA PHE B 44 9.38 -5.37 18.57
C PHE B 44 8.25 -4.69 17.77
N PRO B 45 7.41 -5.49 17.07
CA PRO B 45 6.28 -4.87 16.39
C PRO B 45 5.29 -4.25 17.37
N LEU B 46 4.76 -3.09 17.01
CA LEU B 46 3.77 -2.40 17.84
C LEU B 46 2.41 -3.09 17.87
N CYS B 47 2.01 -3.62 16.72
CA CYS B 47 0.64 -4.14 16.54
C CYS B 47 -0.35 -3.00 16.97
N SER B 48 -1.47 -3.33 17.58
CA SER B 48 -2.44 -2.32 18.00
C SER B 48 -1.95 -1.36 19.08
N SER B 49 -0.80 -1.64 19.70
CA SER B 49 -0.29 -0.82 20.82
C SER B 49 0.09 0.62 20.43
N PHE B 50 0.30 0.89 19.13
CA PHE B 50 0.43 2.29 18.69
C PHE B 50 -0.78 3.17 19.05
N LYS B 51 -1.96 2.58 19.21
CA LYS B 51 -3.16 3.40 19.37
C LYS B 51 -3.23 4.27 20.63
N GLY B 52 -2.62 3.79 21.74
CA GLY B 52 -2.50 4.58 22.93
C GLY B 52 -1.77 5.88 22.58
N PHE B 53 -0.63 5.77 21.88
CA PHE B 53 0.15 6.98 21.48
C PHE B 53 -0.61 7.83 20.42
N LEU B 54 -1.38 7.15 19.57
CA LEU B 54 -2.29 7.84 18.63
C LEU B 54 -3.27 8.77 19.38
N ALA B 55 -3.83 8.29 20.50
CA ALA B 55 -4.81 9.08 21.25
C ALA B 55 -4.11 10.26 21.90
N ALA B 56 -2.91 10.02 22.43
CA ALA B 56 -2.09 11.08 22.96
C ALA B 56 -1.70 12.17 21.93
N ALA B 57 -1.49 11.77 20.68
CA ALA B 57 -1.16 12.70 19.62
C ALA B 57 -2.34 13.58 19.27
N VAL B 58 -3.53 12.98 19.28
CA VAL B 58 -4.76 13.68 19.07
C VAL B 58 -5.00 14.70 20.19
N LEU B 59 -4.78 14.26 21.43
CA LEU B 59 -4.90 15.16 22.57
C LEU B 59 -3.90 16.30 22.47
N ALA B 60 -2.68 15.99 22.08
CA ALA B 60 -1.67 17.05 21.84
C ALA B 60 -2.16 18.08 20.79
N ARG B 61 -2.70 17.58 19.67
CA ARG B 61 -3.19 18.43 18.60
C ARG B 61 -4.39 19.26 19.10
N SER B 62 -5.19 18.73 20.02
CA SER B 62 -6.28 19.48 20.66
C SER B 62 -5.83 20.72 21.48
N GLN B 63 -4.57 20.77 21.89
CA GLN B 63 -3.97 21.99 22.48
C GLN B 63 -3.64 23.01 21.35
N GLN B 64 -3.13 22.53 20.20
CA GLN B 64 -2.91 23.32 18.95
C GLN B 64 -4.17 23.86 18.29
N GLN B 65 -5.30 23.19 18.55
CA GLN B 65 -6.50 23.30 17.75
C GLN B 65 -7.71 22.97 18.60
N ALA B 66 -8.11 23.91 19.44
CA ALA B 66 -9.21 23.70 20.40
C ALA B 66 -10.50 23.30 19.69
N GLY B 67 -11.31 22.55 20.41
CA GLY B 67 -12.47 21.88 19.82
C GLY B 67 -12.23 20.59 19.03
N LEU B 68 -10.97 20.21 18.80
CA LEU B 68 -10.68 18.98 18.03
C LEU B 68 -11.44 17.77 18.51
N LEU B 69 -11.47 17.54 19.82
CA LEU B 69 -12.11 16.35 20.36
C LEU B 69 -13.58 16.28 20.10
N ASP B 70 -14.24 17.44 19.92
CA ASP B 70 -15.65 17.50 19.66
C ASP B 70 -15.98 17.31 18.20
N THR B 71 -14.97 17.31 17.33
CA THR B 71 -15.21 17.29 15.89
C THR B 71 -15.91 15.95 15.56
N PRO B 72 -17.11 16.01 14.95
CA PRO B 72 -17.67 14.75 14.44
C PRO B 72 -16.99 14.30 13.15
N ILE B 73 -16.68 13.02 13.07
CA ILE B 73 -16.18 12.39 11.87
C ILE B 73 -17.27 11.42 11.36
N ARG B 74 -17.88 11.76 10.23
CA ARG B 74 -19.00 10.97 9.65
C ARG B 74 -18.42 10.21 8.47
N TYR B 75 -18.35 8.91 8.59
CA TYR B 75 -17.52 8.10 7.66
C TYR B 75 -18.52 7.21 6.92
N GLY B 76 -18.11 6.70 5.77
CA GLY B 76 -18.87 5.71 5.00
C GLY B 76 -18.41 4.29 5.31
N LYS B 77 -19.17 3.29 4.83
CA LYS B 77 -18.86 1.87 5.05
C LYS B 77 -17.47 1.42 4.59
N ASN B 78 -16.92 2.06 3.56
CA ASN B 78 -15.54 1.74 3.07
C ASN B 78 -14.43 2.20 4.00
N ALA B 79 -14.75 3.03 5.00
CA ALA B 79 -13.84 3.29 6.11
C ALA B 79 -13.65 2.07 7.00
N LEU B 80 -14.58 1.12 7.00
CA LEU B 80 -14.49 -0.01 7.88
C LEU B 80 -13.44 -1.02 7.38
N VAL B 81 -12.73 -1.61 8.30
CA VAL B 81 -11.67 -2.58 7.99
CA VAL B 81 -11.69 -2.59 8.00
C VAL B 81 -11.86 -3.64 9.07
N PRO B 82 -11.22 -4.82 8.89
CA PRO B 82 -11.41 -5.81 9.93
C PRO B 82 -11.09 -5.35 11.36
N TRP B 83 -11.89 -5.87 12.27
CA TRP B 83 -11.89 -5.48 13.67
C TRP B 83 -12.14 -3.99 13.92
N SER B 84 -13.35 -3.57 13.54
CA SER B 84 -13.85 -2.22 13.76
C SER B 84 -15.26 -2.28 14.41
N PRO B 85 -15.37 -3.01 15.55
CA PRO B 85 -16.68 -3.35 16.19
C PRO B 85 -17.44 -2.09 16.61
N ILE B 86 -16.71 -1.08 17.13
CA ILE B 86 -17.34 0.11 17.61
C ILE B 86 -17.73 1.01 16.42
N SER B 87 -16.77 1.30 15.54
CA SER B 87 -17.06 2.09 14.32
C SER B 87 -18.25 1.55 13.53
N GLU B 88 -18.36 0.22 13.46
CA GLU B 88 -19.49 -0.40 12.75
C GLU B 88 -20.86 -0.05 13.33
N LYS B 89 -20.91 0.03 14.66
CA LYS B 89 -22.08 0.37 15.48
C LYS B 89 -22.67 1.78 15.23
N TYR B 90 -21.78 2.71 14.89
CA TYR B 90 -22.12 4.14 14.69
C TYR B 90 -22.09 4.58 13.22
N LEU B 91 -22.14 3.62 12.30
CA LEU B 91 -22.05 3.96 10.88
C LEU B 91 -23.23 4.87 10.44
N THR B 92 -24.40 4.71 11.08
CA THR B 92 -25.59 5.56 10.83
C THR B 92 -25.48 7.02 11.30
N THR B 93 -24.49 7.35 12.14
CA THR B 93 -24.36 8.71 12.65
C THR B 93 -23.01 9.36 12.51
N GLY B 94 -21.93 8.57 12.50
CA GLY B 94 -20.60 9.11 12.72
C GLY B 94 -20.22 9.13 14.20
N MET B 95 -18.97 9.49 14.48
CA MET B 95 -18.48 9.48 15.85
C MET B 95 -17.59 10.72 16.00
N THR B 96 -17.56 11.29 17.18
CA THR B 96 -16.67 12.41 17.50
C THR B 96 -15.25 11.95 17.58
N VAL B 97 -14.30 12.86 17.51
CA VAL B 97 -12.91 12.46 17.66
C VAL B 97 -12.64 11.82 19.05
N ALA B 98 -13.31 12.35 20.05
CA ALA B 98 -13.27 11.77 21.42
C ALA B 98 -13.76 10.31 21.46
N GLU B 99 -14.92 10.08 20.88
CA GLU B 99 -15.50 8.75 20.79
C GLU B 99 -14.57 7.80 20.05
N LEU B 100 -14.08 8.23 18.90
CA LEU B 100 -13.09 7.47 18.15
C LEU B 100 -11.85 7.14 18.94
N SER B 101 -11.28 8.13 19.60
CA SER B 101 -10.18 7.91 20.52
C SER B 101 -10.44 6.87 21.63
N ALA B 102 -11.62 6.90 22.28
CA ALA B 102 -11.95 5.93 23.30
C ALA B 102 -12.09 4.54 22.67
N ALA B 103 -12.63 4.48 21.46
CA ALA B 103 -12.83 3.22 20.76
C ALA B 103 -11.49 2.59 20.38
N ALA B 104 -10.56 3.42 19.90
CA ALA B 104 -9.22 2.98 19.43
C ALA B 104 -8.38 2.51 20.63
N VAL B 105 -8.41 3.23 21.73
CA VAL B 105 -7.77 2.78 22.95
C VAL B 105 -8.37 1.59 23.66
N GLN B 106 -9.70 1.61 23.80
CA GLN B 106 -10.37 0.78 24.81
C GLN B 106 -10.96 -0.54 24.25
N TYR B 107 -11.17 -0.54 22.93
CA TYR B 107 -11.61 -1.73 22.18
C TYR B 107 -10.70 -2.05 21.01
N SER B 108 -9.64 -1.27 20.85
CA SER B 108 -8.73 -1.46 19.76
C SER B 108 -9.41 -1.47 18.39
N ASP B 109 -10.33 -0.55 18.21
CA ASP B 109 -11.06 -0.43 16.92
C ASP B 109 -10.12 0.04 15.82
N ASN B 110 -10.01 -0.73 14.76
CA ASN B 110 -9.01 -0.47 13.72
C ASN B 110 -9.44 0.67 12.78
N ALA B 111 -10.69 0.69 12.39
CA ALA B 111 -11.24 1.82 11.57
C ALA B 111 -11.12 3.13 12.34
N ALA B 112 -11.40 3.10 13.64
CA ALA B 112 -11.23 4.32 14.44
C ALA B 112 -9.80 4.80 14.40
N ALA B 113 -8.84 3.87 14.58
CA ALA B 113 -7.43 4.22 14.50
C ALA B 113 -7.10 4.83 13.15
N ASN B 114 -7.56 4.23 12.06
CA ASN B 114 -7.26 4.81 10.75
C ASN B 114 -7.91 6.18 10.57
N LEU B 115 -9.11 6.37 11.09
CA LEU B 115 -9.70 7.69 10.94
C LEU B 115 -8.87 8.76 11.69
N LEU B 116 -8.38 8.44 12.88
CA LEU B 116 -7.59 9.37 13.64
C LEU B 116 -6.25 9.59 12.95
N LEU B 117 -5.63 8.50 12.47
CA LEU B 117 -4.40 8.60 11.67
C LEU B 117 -4.62 9.61 10.57
N LYS B 118 -5.76 9.54 9.88
CA LYS B 118 -6.03 10.53 8.82
C LYS B 118 -5.99 12.00 9.32
N GLU B 119 -6.53 12.25 10.51
CA GLU B 119 -6.58 13.58 11.07
C GLU B 119 -5.19 14.09 11.38
N LEU B 120 -4.26 13.18 11.72
CA LEU B 120 -2.86 13.54 12.03
C LEU B 120 -1.93 13.58 10.80
N GLY B 121 -2.41 13.30 9.58
CA GLY B 121 -1.52 13.21 8.41
C GLY B 121 -0.87 11.85 8.17
N GLY B 122 -1.56 10.78 8.58
CA GLY B 122 -1.08 9.42 8.37
C GLY B 122 -0.10 8.91 9.40
N PRO B 123 0.41 7.71 9.20
CA PRO B 123 1.40 7.11 10.09
C PRO B 123 2.60 8.05 10.37
N ALA B 124 3.04 8.71 9.31
CA ALA B 124 4.11 9.71 9.40
C ALA B 124 3.80 10.82 10.42
N GLY B 125 2.54 11.23 10.49
CA GLY B 125 2.08 12.25 11.45
C GLY B 125 2.23 11.77 12.88
N LEU B 126 1.90 10.52 13.13
CA LEU B 126 2.06 9.96 14.47
C LEU B 126 3.54 9.84 14.86
N THR B 127 4.38 9.42 13.89
CA THR B 127 5.75 9.21 14.15
C THR B 127 6.34 10.59 14.48
N ALA B 128 5.92 11.61 13.74
CA ALA B 128 6.40 12.98 14.00
C ALA B 128 6.02 13.44 15.40
N PHE B 129 4.83 13.07 15.86
CA PHE B 129 4.44 13.38 17.21
C PHE B 129 5.32 12.69 18.26
N MET B 130 5.68 11.44 18.03
CA MET B 130 6.55 10.72 18.96
C MET B 130 7.94 11.35 18.99
N ARG B 131 8.44 11.76 17.84
CA ARG B 131 9.69 12.52 17.75
C ARG B 131 9.55 13.81 18.54
N SER B 132 8.37 14.44 18.46
CA SER B 132 8.12 15.72 19.17
C SER B 132 8.24 15.62 20.70
N ILE B 133 8.08 14.44 21.27
CA ILE B 133 8.26 14.23 22.69
C ILE B 133 9.61 13.56 22.99
N GLY B 134 10.49 13.52 22.00
CA GLY B 134 11.86 13.03 22.17
C GLY B 134 12.02 11.53 22.05
N ASP B 135 11.02 10.85 21.47
CA ASP B 135 11.11 9.43 21.21
C ASP B 135 11.70 9.31 19.82
N THR B 136 12.95 8.83 19.73
CA THR B 136 13.59 8.65 18.47
C THR B 136 13.57 7.23 17.97
N THR B 137 12.81 6.34 18.62
CA THR B 137 12.88 4.91 18.35
C THR B 137 11.60 4.50 17.65
N PHE B 138 10.47 5.00 18.17
CA PHE B 138 9.16 4.71 17.62
C PHE B 138 9.11 5.01 16.13
N ARG B 139 8.55 4.08 15.37
CA ARG B 139 8.18 4.33 13.97
C ARG B 139 6.87 3.63 13.63
N LEU B 140 5.86 4.40 13.16
CA LEU B 140 4.71 3.82 12.50
C LEU B 140 4.82 4.23 11.03
N ASP B 141 4.87 3.23 10.19
CA ASP B 141 5.06 3.38 8.75
C ASP B 141 3.76 3.14 7.96
N ARG B 142 2.92 2.26 8.49
CA ARG B 142 1.74 1.83 7.78
C ARG B 142 0.47 2.00 8.60
N TRP B 143 -0.63 1.67 7.95
CA TRP B 143 -1.95 1.83 8.51
C TRP B 143 -2.47 0.45 8.96
N GLU B 144 -3.63 0.45 9.57
CA GLU B 144 -4.34 -0.81 9.79
C GLU B 144 -4.92 -1.33 8.47
N LEU B 145 -4.77 -2.61 8.14
CA LEU B 145 -4.21 -3.71 8.95
C LEU B 145 -2.76 -4.07 8.60
N GLU B 146 -2.21 -3.48 7.54
CA GLU B 146 -0.84 -3.84 7.08
C GLU B 146 0.21 -3.78 8.17
N LEU B 147 0.09 -2.82 9.11
CA LEU B 147 1.06 -2.63 10.16
C LEU B 147 1.20 -3.83 11.08
N ASN B 148 0.22 -4.73 11.07
CA ASN B 148 0.26 -5.91 11.89
C ASN B 148 1.05 -7.05 11.31
N SER B 149 1.69 -6.89 10.15
CA SER B 149 2.24 -8.06 9.46
C SER B 149 3.39 -8.73 10.25
N ALA B 150 4.15 -7.94 10.99
CA ALA B 150 5.11 -8.48 11.98
C ALA B 150 6.10 -9.45 11.37
N ILE B 151 6.46 -9.19 10.13
CA ILE B 151 7.40 -10.03 9.39
C ILE B 151 8.79 -10.04 10.04
N PRO B 152 9.38 -11.24 10.25
CA PRO B 152 10.70 -11.23 10.87
C PRO B 152 11.68 -10.38 10.05
N GLY B 153 12.45 -9.58 10.75
CA GLY B 153 13.42 -8.68 10.11
C GLY B 153 12.91 -7.30 9.68
N ASP B 154 11.59 -7.09 9.66
CA ASP B 154 10.99 -5.83 9.24
C ASP B 154 11.08 -4.84 10.41
N ALA B 155 11.79 -3.73 10.19
CA ALA B 155 11.91 -2.61 11.15
C ALA B 155 10.66 -1.73 11.18
N ARG B 156 9.79 -1.85 10.17
CA ARG B 156 8.61 -1.01 10.07
C ARG B 156 7.61 -1.29 11.22
N ASP B 157 6.95 -0.26 11.69
CA ASP B 157 5.89 -0.41 12.68
C ASP B 157 6.36 -1.10 14.00
N THR B 158 7.51 -0.64 14.46
CA THR B 158 8.14 -1.13 15.69
C THR B 158 8.56 0.00 16.65
N SER B 159 8.75 -0.38 17.91
CA SER B 159 9.53 0.41 18.86
C SER B 159 10.28 -0.53 19.80
N SER B 160 10.84 0.02 20.86
CA SER B 160 11.52 -0.78 21.88
C SER B 160 10.74 -0.72 23.18
N PRO B 161 10.92 -1.71 24.06
CA PRO B 161 10.21 -1.60 25.34
C PRO B 161 10.66 -0.38 26.16
N ARG B 162 11.95 -0.01 26.10
CA ARG B 162 12.38 1.19 26.80
C ARG B 162 11.68 2.45 26.29
N ALA B 163 11.71 2.64 24.96
CA ALA B 163 11.17 3.84 24.35
C ALA B 163 9.66 3.93 24.58
N VAL B 164 8.96 2.80 24.50
CA VAL B 164 7.55 2.85 24.80
C VAL B 164 7.31 3.33 26.23
N THR B 165 8.01 2.74 27.17
CA THR B 165 7.81 3.08 28.58
C THR B 165 8.17 4.56 28.81
N GLU B 166 9.27 5.03 28.18
CA GLU B 166 9.73 6.44 28.34
C GLU B 166 8.68 7.40 27.83
N SER B 167 8.09 7.08 26.67
CA SER B 167 7.09 7.96 26.09
C SER B 167 5.80 7.92 26.90
N LEU B 168 5.39 6.72 27.33
CA LEU B 168 4.18 6.58 28.13
C LEU B 168 4.29 7.40 29.44
N GLN B 169 5.44 7.36 30.08
CA GLN B 169 5.65 8.15 31.34
C GLN B 169 5.51 9.65 31.03
N LYS B 170 6.24 10.11 29.98
CA LYS B 170 6.09 11.51 29.52
C LYS B 170 4.65 11.98 29.36
N LEU B 171 3.80 11.13 28.82
CA LEU B 171 2.46 11.56 28.44
C LEU B 171 1.50 11.46 29.57
N THR B 172 1.62 10.38 30.36
CA THR B 172 0.67 10.08 31.43
C THR B 172 1.00 10.77 32.76
N LEU B 173 2.29 10.95 33.02
CA LEU B 173 2.76 11.48 34.32
C LEU B 173 3.54 12.74 34.20
N GLY B 174 4.34 12.86 33.14
CA GLY B 174 5.17 14.04 32.92
C GLY B 174 4.43 15.20 32.29
N SER B 175 5.22 16.10 31.72
CA SER B 175 4.73 17.40 31.29
C SER B 175 4.38 17.48 29.78
N ALA B 176 4.42 16.35 29.07
CA ALA B 176 4.28 16.38 27.59
C ALA B 176 2.94 16.86 27.08
N LEU B 177 1.91 16.66 27.91
CA LEU B 177 0.59 17.20 27.67
C LEU B 177 0.20 18.17 28.78
N ALA B 178 -0.67 19.11 28.43
CA ALA B 178 -1.35 19.94 29.42
C ALA B 178 -2.22 19.07 30.35
N ALA B 179 -2.57 19.63 31.50
CA ALA B 179 -3.25 18.91 32.59
C ALA B 179 -4.52 18.20 32.16
N PRO B 180 -5.45 18.91 31.51
CA PRO B 180 -6.68 18.25 31.13
C PRO B 180 -6.44 17.11 30.14
N GLN B 181 -5.52 17.33 29.22
CA GLN B 181 -5.16 16.34 28.24
C GLN B 181 -4.47 15.11 28.84
N ARG B 182 -3.51 15.34 29.73
CA ARG B 182 -2.88 14.26 30.49
C ARG B 182 -3.91 13.40 31.21
N GLN B 183 -4.84 14.04 31.92
CA GLN B 183 -5.85 13.30 32.65
C GLN B 183 -6.77 12.53 31.71
N GLN B 184 -7.06 13.10 30.54
CA GLN B 184 -7.94 12.43 29.62
C GLN B 184 -7.22 11.18 29.10
N PHE B 185 -5.92 11.34 28.86
CA PHE B 185 -5.14 10.22 28.33
C PHE B 185 -5.12 9.08 29.32
N VAL B 186 -4.86 9.43 30.57
CA VAL B 186 -4.96 8.49 31.71
C VAL B 186 -6.33 7.84 31.81
N ASP B 187 -7.38 8.66 31.72
CA ASP B 187 -8.73 8.13 31.81
C ASP B 187 -9.06 7.12 30.70
N TRP B 188 -8.63 7.40 29.47
CA TRP B 188 -8.88 6.47 28.37
C TRP B 188 -8.18 5.13 28.65
N LEU B 189 -6.92 5.17 29.07
CA LEU B 189 -6.14 3.96 29.37
C LEU B 189 -6.70 3.17 30.51
N LYS B 190 -7.16 3.89 31.55
CA LYS B 190 -7.75 3.21 32.69
C LYS B 190 -9.02 2.45 32.31
N GLY B 191 -9.78 2.95 31.34
CA GLY B 191 -10.98 2.24 30.85
C GLY B 191 -10.77 1.19 29.77
N ASN B 192 -9.52 0.83 29.46
CA ASN B 192 -9.30 -0.23 28.44
C ASN B 192 -9.99 -1.51 28.84
N THR B 193 -10.62 -2.15 27.89
CA THR B 193 -11.38 -3.41 28.12
C THR B 193 -10.61 -4.65 27.73
N THR B 194 -9.47 -4.52 27.04
CA THR B 194 -8.82 -5.65 26.35
C THR B 194 -7.63 -6.25 27.10
N GLY B 195 -7.24 -5.68 28.25
CA GLY B 195 -5.96 -6.00 28.89
C GLY B 195 -6.08 -6.82 30.18
N ASN B 196 -7.23 -7.44 30.42
CA ASN B 196 -7.42 -8.10 31.73
C ASN B 196 -6.53 -9.32 31.98
N HIS B 197 -5.97 -9.95 30.92
CA HIS B 197 -5.13 -11.10 31.06
C HIS B 197 -3.64 -10.80 30.85
N ARG B 198 -3.27 -9.52 30.75
CA ARG B 198 -1.88 -9.14 30.54
C ARG B 198 -1.33 -8.41 31.78
N ILE B 199 -0.80 -7.21 31.65
CA ILE B 199 -0.22 -6.54 32.82
C ILE B 199 -1.19 -6.48 34.02
N ARG B 200 -2.47 -6.19 33.77
CA ARG B 200 -3.47 -6.13 34.87
C ARG B 200 -3.49 -7.39 35.73
N ALA B 201 -3.26 -8.54 35.10
CA ALA B 201 -3.32 -9.80 35.82
C ALA B 201 -2.15 -10.00 36.74
N ALA B 202 -1.09 -9.16 36.67
CA ALA B 202 0.07 -9.22 37.55
C ALA B 202 -0.02 -8.23 38.74
N VAL B 203 -1.09 -7.44 38.80
CA VAL B 203 -1.23 -6.32 39.70
C VAL B 203 -2.46 -6.57 40.52
N PRO B 204 -2.38 -6.38 41.85
CA PRO B 204 -3.60 -6.62 42.63
C PRO B 204 -4.68 -5.69 42.21
N ALA B 205 -5.92 -6.18 42.25
CA ALA B 205 -7.07 -5.43 41.75
C ALA B 205 -7.34 -4.10 42.44
N ASP B 206 -6.94 -3.93 43.70
CA ASP B 206 -7.13 -2.64 44.39
C ASP B 206 -6.11 -1.55 43.94
N TRP B 207 -5.21 -1.86 43.01
CA TRP B 207 -4.32 -0.84 42.41
C TRP B 207 -4.84 -0.46 41.01
N ALA B 208 -5.02 0.83 40.73
CA ALA B 208 -5.48 1.30 39.42
C ALA B 208 -4.40 1.08 38.35
N VAL B 209 -4.83 0.74 37.13
CA VAL B 209 -3.98 0.44 35.97
C VAL B 209 -4.66 1.07 34.73
N GLY B 210 -3.86 1.71 33.89
CA GLY B 210 -4.26 2.05 32.54
C GLY B 210 -3.31 1.33 31.61
N ASP B 211 -3.81 0.77 30.51
CA ASP B 211 -2.95 0.06 29.55
C ASP B 211 -3.49 0.09 28.15
N LYS B 212 -2.61 -0.25 27.21
CA LYS B 212 -2.96 -0.54 25.84
C LYS B 212 -2.24 -1.80 25.36
N THR B 213 -2.99 -2.74 24.80
CA THR B 213 -2.50 -4.00 24.26
C THR B 213 -2.28 -3.97 22.75
N GLY B 214 -1.59 -5.01 22.23
CA GLY B 214 -1.40 -5.25 20.78
C GLY B 214 -1.29 -6.77 20.57
N THR B 215 -1.94 -7.24 19.51
CA THR B 215 -1.89 -8.67 19.15
C THR B 215 -1.87 -8.78 17.63
N CYS B 216 -0.68 -9.01 17.07
CA CYS B 216 -0.58 -9.00 15.59
C CYS B 216 -1.30 -10.22 14.96
N GLY B 217 -1.44 -11.31 15.70
CA GLY B 217 -2.09 -12.51 15.18
C GLY B 217 -1.14 -13.50 14.48
N VAL B 218 0.14 -13.18 14.44
CA VAL B 218 1.16 -13.98 13.76
C VAL B 218 2.49 -13.81 14.44
N TYR B 219 3.37 -14.77 14.22
CA TYR B 219 4.77 -14.66 14.69
C TYR B 219 4.86 -14.47 16.21
N GLY B 220 3.92 -15.06 16.95
CA GLY B 220 3.90 -14.99 18.41
C GLY B 220 4.08 -13.57 18.94
N THR B 221 3.52 -12.56 18.22
CA THR B 221 3.78 -11.14 18.42
C THR B 221 2.59 -10.49 19.10
N ALA B 222 2.81 -10.14 20.38
CA ALA B 222 1.81 -9.49 21.17
C ALA B 222 2.42 -8.70 22.31
N ASN B 223 1.63 -7.82 22.88
CA ASN B 223 2.22 -6.86 23.81
C ASN B 223 1.21 -6.14 24.66
N ASP B 224 1.74 -5.36 25.60
CA ASP B 224 0.93 -4.56 26.54
C ASP B 224 1.87 -3.54 27.18
N TYR B 225 1.42 -2.29 27.31
CA TYR B 225 2.07 -1.36 28.18
C TYR B 225 1.09 -0.73 29.13
N ALA B 226 1.62 -0.26 30.24
CA ALA B 226 0.76 0.22 31.32
C ALA B 226 1.41 1.21 32.27
N VAL B 227 0.53 2.03 32.87
CA VAL B 227 0.85 2.78 34.08
C VAL B 227 0.04 2.10 35.20
N VAL B 228 0.72 1.87 36.31
CA VAL B 228 0.20 1.22 37.49
C VAL B 228 0.35 2.17 38.65
N TRP B 229 -0.72 2.40 39.41
CA TRP B 229 -0.66 3.27 40.60
C TRP B 229 -0.80 2.40 41.84
N PRO B 230 0.33 1.95 42.45
CA PRO B 230 0.23 1.30 43.75
C PRO B 230 -0.29 2.28 44.82
N THR B 231 -1.25 1.86 45.63
CA THR B 231 -1.99 2.81 46.43
C THR B 231 -1.00 3.47 47.41
N GLY B 232 -0.97 4.79 47.42
CA GLY B 232 -0.02 5.58 48.22
C GLY B 232 1.46 5.46 47.89
N ARG B 233 1.80 5.08 46.65
CA ARG B 233 3.21 5.03 46.24
C ARG B 233 3.37 5.68 44.88
N ALA B 234 4.60 5.88 44.45
CA ALA B 234 4.82 6.45 43.12
C ALA B 234 4.36 5.48 42.02
N PRO B 235 3.71 6.00 40.94
CA PRO B 235 3.35 5.11 39.84
C PRO B 235 4.53 4.44 39.12
N ILE B 236 4.21 3.26 38.59
CA ILE B 236 5.11 2.46 37.80
C ILE B 236 4.68 2.57 36.35
N VAL B 237 5.63 2.67 35.45
CA VAL B 237 5.34 2.56 34.01
C VAL B 237 6.10 1.38 33.45
N LEU B 238 5.46 0.52 32.66
CA LEU B 238 6.17 -0.62 32.07
C LEU B 238 5.64 -1.06 30.71
N ALA B 239 6.46 -1.78 29.99
CA ALA B 239 6.11 -2.37 28.69
C ALA B 239 6.61 -3.79 28.56
N VAL B 240 5.75 -4.67 28.01
CA VAL B 240 6.14 -6.04 27.75
C VAL B 240 5.71 -6.37 26.33
N TYR B 241 6.69 -6.77 25.49
CA TYR B 241 6.54 -7.07 24.06
C TYR B 241 7.08 -8.42 23.72
N THR B 242 6.39 -9.17 22.85
CA THR B 242 6.88 -10.47 22.37
C THR B 242 6.95 -10.60 20.86
N ARG B 243 7.82 -11.49 20.42
CA ARG B 243 7.76 -12.01 19.07
C ARG B 243 8.33 -13.43 19.08
N ALA B 244 8.23 -14.10 17.94
CA ALA B 244 8.73 -15.45 17.74
C ALA B 244 9.02 -15.70 16.23
N PRO B 245 9.90 -16.67 15.91
CA PRO B 245 10.41 -16.80 14.55
C PRO B 245 9.45 -17.38 13.50
N ASN B 246 8.45 -18.14 13.93
CA ASN B 246 7.55 -18.81 13.01
C ASN B 246 6.18 -18.18 13.03
N LYS B 247 5.59 -18.05 11.84
CA LYS B 247 4.30 -17.36 11.65
C LYS B 247 3.21 -17.97 12.50
N ASP B 248 3.24 -19.29 12.65
CA ASP B 248 2.26 -20.02 13.44
C ASP B 248 2.66 -20.23 14.92
N ASP B 249 3.76 -19.62 15.39
CA ASP B 249 4.05 -19.59 16.83
C ASP B 249 2.95 -18.77 17.54
N LYS B 250 2.32 -19.34 18.56
CA LYS B 250 1.19 -18.68 19.26
C LYS B 250 1.73 -17.61 20.23
N HIS B 251 1.10 -16.45 20.25
CA HIS B 251 1.37 -15.47 21.31
C HIS B 251 0.73 -16.03 22.57
N SER B 252 1.12 -15.46 23.70
CA SER B 252 0.61 -15.91 25.00
C SER B 252 0.37 -14.73 25.91
N GLU B 253 -0.87 -14.61 26.37
CA GLU B 253 -1.22 -13.62 27.41
C GLU B 253 -0.58 -13.96 28.75
N ALA B 254 -0.63 -15.25 29.12
CA ALA B 254 0.03 -15.68 30.38
C ALA B 254 1.52 -15.32 30.42
N VAL B 255 2.23 -15.45 29.32
CA VAL B 255 3.62 -15.04 29.25
C VAL B 255 3.83 -13.54 29.49
N ILE B 256 2.92 -12.71 28.94
CA ILE B 256 3.01 -11.29 29.13
C ILE B 256 2.79 -10.93 30.64
N ALA B 257 1.75 -11.47 31.21
CA ALA B 257 1.42 -11.30 32.62
C ALA B 257 2.58 -11.75 33.48
N ALA B 258 3.13 -12.92 33.12
CA ALA B 258 4.22 -13.49 33.98
C ALA B 258 5.46 -12.61 33.92
N ALA B 259 5.82 -12.13 32.73
CA ALA B 259 6.93 -11.17 32.57
C ALA B 259 6.65 -9.83 33.26
N ALA B 260 5.40 -9.32 33.19
CA ALA B 260 5.04 -8.10 33.89
C ALA B 260 5.28 -8.26 35.43
N ARG B 261 4.90 -9.43 35.95
CA ARG B 261 5.07 -9.75 37.38
C ARG B 261 6.54 -9.79 37.77
N LEU B 262 7.37 -10.47 36.98
CA LEU B 262 8.84 -10.46 37.22
C LEU B 262 9.44 -9.06 37.21
N ALA B 263 9.03 -8.21 36.27
CA ALA B 263 9.49 -6.80 36.25
C ALA B 263 9.02 -6.06 37.50
N LEU B 264 7.75 -6.17 37.84
CA LEU B 264 7.21 -5.39 38.96
C LEU B 264 7.86 -5.82 40.28
N GLU B 265 8.01 -7.13 40.47
CA GLU B 265 8.67 -7.69 41.65
C GLU B 265 10.12 -7.28 41.75
N GLY B 266 10.78 -7.06 40.63
CA GLY B 266 12.19 -6.72 40.60
C GLY B 266 12.55 -5.27 40.83
N LEU B 267 11.57 -4.38 40.95
CA LEU B 267 11.86 -2.94 41.08
C LEU B 267 12.25 -2.52 42.51
N GLY B 268 13.31 -1.76 42.68
CA GLY B 268 13.72 -1.32 44.04
C GLY B 268 14.71 -0.16 44.03
OAE C8Y C . 3.28 7.95 -19.96
SAP C8Y C . 4.40 7.07 -19.95
OAC C8Y C . 3.99 5.77 -19.68
OAD C8Y C . 5.06 6.92 -21.27
OAL C8Y C . 5.44 7.67 -19.00
NAK C8Y C . 5.05 7.83 -17.63
CAN C8Y C . 6.03 7.34 -16.59
CAI C8Y C . 7.47 7.79 -16.89
CAH C8Y C . 8.38 6.88 -17.79
CAM C8Y C . 8.27 5.46 -17.35
CAF C8Y C . 8.87 5.28 -16.04
NAA C8Y C . 9.34 5.14 -15.03
NAO C8Y C . 6.85 5.11 -17.24
CAG C8Y C . 6.37 4.07 -17.97
OAB C8Y C . 6.81 3.69 -19.05
CAJ C8Y C . 5.96 5.88 -16.35
S SO4 D . -11.02 8.18 2.19
O1 SO4 D . -11.04 8.89 3.47
O2 SO4 D . -11.47 6.79 2.39
O3 SO4 D . -9.61 8.12 1.74
O4 SO4 D . -11.83 8.88 1.17
CL CL E . 5.90 1.42 4.06
C ACT F . 15.48 7.22 -24.85
O ACT F . 14.87 6.13 -24.98
OXT ACT F . 14.85 8.28 -25.00
CH3 ACT F . 16.94 7.22 -24.52
OAE C8Y G . -6.65 -6.17 22.25
SAP C8Y G . -5.89 -6.17 20.99
OAC C8Y G . -5.15 -7.41 20.79
OAD C8Y G . -4.95 -5.13 21.01
OAL C8Y G . -6.95 -6.09 19.96
NAK C8Y G . -6.77 -5.41 19.04
CAN C8Y G . -7.41 -5.70 17.76
CAI C8Y G . -7.45 -7.23 17.27
CAH C8Y G . -6.09 -7.81 16.87
CAM C8Y G . -5.21 -6.83 16.10
CAF C8Y G . -5.63 -6.67 14.73
NAA C8Y G . -5.94 -6.56 13.71
NAO C8Y G . -5.33 -5.51 16.75
CAG C8Y G . -4.23 -4.91 17.28
OAB C8Y G . -3.15 -5.43 17.52
CAJ C8Y G . -6.71 -4.89 16.82
S SO4 H . 4.92 -3.66 1.18
O1 SO4 H . 4.70 -4.05 2.59
O2 SO4 H . 5.63 -4.78 0.50
O3 SO4 H . 5.76 -2.42 1.05
O4 SO4 H . 3.64 -3.45 0.49
S SO4 I . -2.78 -17.68 26.81
O1 SO4 I . -1.90 -17.28 27.91
O2 SO4 I . -4.13 -17.91 27.39
O3 SO4 I . -2.19 -18.93 26.31
O4 SO4 I . -2.87 -16.65 25.68
S SO4 J . 7.00 -18.75 7.99
O1 SO4 J . 6.74 -19.05 9.43
O2 SO4 J . 7.82 -19.90 7.45
O3 SO4 J . 7.79 -17.49 7.94
O4 SO4 J . 5.79 -18.52 7.19
CL CL K . -16.79 5.37 1.99
C ACT L . 0.09 -15.80 16.93
O ACT L . -0.69 -15.91 17.90
OXT ACT L . 0.89 -14.82 16.89
CH3 ACT L . 0.03 -16.86 15.82
#